data_6OO9
#
_entry.id   6OO9
#
_cell.length_a   77.810
_cell.length_b   102.750
_cell.length_c   127.400
_cell.angle_alpha   90.00
_cell.angle_beta   90.00
_cell.angle_gamma   90.00
#
_symmetry.space_group_name_H-M   'I 2 2 2'
#
loop_
_entity.id
_entity.type
_entity.pdbx_description
1 polymer 'Cytochrome P450 3A4'
2 non-polymer 'PROTOPORPHYRIN IX CONTAINING FE'
3 non-polymer '(1S,2S)-2-(2-{[3-(1H-benzimidazol-2-yl)propyl](methyl)amino}ethyl)-6-fluoro-1-(propan-2-yl)-1,2,3,4-tetrahydronaphthalen-2-yl methoxyacetate'
4 non-polymer 1,2-ETHANEDIOL
5 non-polymer 'DIMETHYL SULFOXIDE'
6 water water
#
_entity_poly.entity_id   1
_entity_poly.type   'polypeptide(L)'
_entity_poly.pdbx_seq_one_letter_code
;MAYLYGTHSHGLFKKLGIPGPTPLPFLGNILSYHKGFCMFDMECHKKYGKVWGFYDGQQPVLAITDPDMIKTVLVKECYS
VFTNRRPFGPVGFMKSAISIAEDEEWKRLRSLLSPTFTSGKLKEMVPIIAQYGDVLVRNLRREAETGKPVTLKDVFGAYS
MDVITSTSFGVNIDSLNNPQDPFVENTKKLLRFDFLDPFFLSITVFPFLIPILEVLNICVFPREVTNFLRKSVKRMKESR
LEDTQKHRVDFLQLMIDSQNSKETESHKALSDLELVAQSIIFIFAGYETTSSVLSFIMYELATHPDVQQKLQEEIDAVLP
NKAPPTYDTVLQMEYLDMVVNETLRLFPIAMRLERVCKKDVEINGMFIPKGVVVMIPSYALHRDPKYWTEPEKFLPERFS
KKNKDNIDPYIYTPFGSGPRNCIGMRFALMNMKLALIRVLQNFSFKPCKETQIPLKLSLGGLLQPEKPVVLKVESRDGTV
SGAHHHH
;
_entity_poly.pdbx_strand_id   A
#
loop_
_chem_comp.id
_chem_comp.type
_chem_comp.name
_chem_comp.formula
DMS non-polymer 'DIMETHYL SULFOXIDE' 'C2 H6 O S'
EDO non-polymer 1,2-ETHANEDIOL 'C2 H6 O2'
HEM non-polymer 'PROTOPORPHYRIN IX CONTAINING FE' 'C34 H32 Fe N4 O4'
MWV non-polymer '(1S,2S)-2-(2-{[3-(1H-benzimidazol-2-yl)propyl](methyl)amino}ethyl)-6-fluoro-1-(propan-2-yl)-1,2,3,4-tetrahydronaphthalen-2-yl methoxyacetate' 'C29 H38 F N3 O3'
#
# COMPACT_ATOMS: atom_id res chain seq x y z
N GLY A 6 -28.10 15.38 -11.33
CA GLY A 6 -27.01 16.35 -11.36
C GLY A 6 -26.56 16.76 -9.98
N THR A 7 -27.49 16.80 -9.03
CA THR A 7 -27.19 17.18 -7.67
C THR A 7 -27.67 16.12 -6.67
N HIS A 8 -27.88 14.91 -7.18
CA HIS A 8 -28.34 13.80 -6.34
C HIS A 8 -27.46 13.69 -5.10
N SER A 9 -28.05 13.97 -3.94
CA SER A 9 -27.42 13.93 -2.62
C SER A 9 -26.58 15.17 -2.37
N HIS A 10 -26.58 16.17 -3.24
CA HIS A 10 -25.69 17.31 -3.04
C HIS A 10 -26.16 18.23 -1.92
N GLY A 11 -27.35 18.00 -1.37
CA GLY A 11 -27.73 18.71 -0.17
C GLY A 11 -27.55 17.90 1.08
N LEU A 12 -27.08 16.65 0.96
CA LEU A 12 -27.04 15.75 2.11
C LEU A 12 -26.17 16.29 3.22
N PHE A 13 -25.07 16.95 2.90
CA PHE A 13 -24.22 17.39 4.00
C PHE A 13 -24.61 18.76 4.52
N LYS A 14 -24.93 19.68 3.61
CA LYS A 14 -25.53 20.94 4.00
C LYS A 14 -26.73 20.70 4.92
N LYS A 15 -27.49 19.65 4.64
CA LYS A 15 -28.67 19.36 5.47
C LYS A 15 -28.26 18.82 6.84
N LEU A 16 -27.56 17.69 6.87
CA LEU A 16 -27.22 17.02 8.13
C LEU A 16 -26.49 17.92 9.12
N GLY A 17 -26.01 19.08 8.68
CA GLY A 17 -25.22 19.96 9.52
C GLY A 17 -23.73 19.85 9.30
N ILE A 18 -23.30 18.96 8.41
CA ILE A 18 -21.88 18.69 8.21
C ILE A 18 -21.30 19.72 7.23
N PRO A 19 -20.23 20.42 7.59
CA PRO A 19 -19.65 21.42 6.68
C PRO A 19 -18.94 20.81 5.48
N GLY A 20 -18.21 21.63 4.74
CA GLY A 20 -17.43 21.18 3.61
C GLY A 20 -17.58 22.05 2.38
N PRO A 21 -16.64 21.91 1.44
CA PRO A 21 -16.60 22.71 0.23
C PRO A 21 -17.91 22.54 -0.50
N THR A 22 -18.39 23.50 -1.27
CA THR A 22 -19.69 23.19 -1.82
C THR A 22 -19.54 22.66 -3.24
N PRO A 23 -20.39 21.71 -3.65
CA PRO A 23 -20.17 21.03 -4.93
C PRO A 23 -20.68 21.81 -6.14
N LEU A 24 -20.16 21.41 -7.29
CA LEU A 24 -20.63 21.75 -8.62
C LEU A 24 -21.46 20.59 -9.16
N PRO A 25 -22.50 20.89 -9.93
CA PRO A 25 -23.33 19.82 -10.50
C PRO A 25 -22.49 18.83 -11.31
N PHE A 26 -22.90 17.57 -11.24
CA PHE A 26 -22.26 16.48 -11.95
CA PHE A 26 -22.27 16.46 -11.93
C PHE A 26 -20.86 16.17 -11.42
N LEU A 27 -20.01 17.19 -11.27
CA LEU A 27 -18.60 16.94 -10.91
C LEU A 27 -18.38 16.85 -9.41
N GLY A 28 -19.29 17.41 -8.62
CA GLY A 28 -19.10 17.37 -7.20
C GLY A 28 -17.93 18.25 -6.92
N ASN A 29 -16.96 17.72 -6.18
CA ASN A 29 -15.83 18.52 -5.77
C ASN A 29 -14.54 18.12 -6.47
N ILE A 30 -14.62 17.39 -7.58
CA ILE A 30 -13.40 16.77 -8.07
C ILE A 30 -12.44 17.76 -8.66
N LEU A 31 -12.88 18.98 -9.01
CA LEU A 31 -11.91 19.97 -9.45
C LEU A 31 -10.89 20.23 -8.36
N SER A 32 -11.30 20.04 -7.09
CA SER A 32 -10.41 20.22 -5.95
C SER A 32 -9.26 19.22 -5.95
N TYR A 33 -9.34 18.14 -6.72
CA TYR A 33 -8.27 17.15 -6.80
C TYR A 33 -7.12 17.58 -7.72
N HIS A 34 -7.03 18.85 -8.09
CA HIS A 34 -5.97 19.27 -9.00
C HIS A 34 -4.61 19.28 -8.32
N LYS A 35 -4.57 19.36 -6.98
CA LYS A 35 -3.31 19.26 -6.26
C LYS A 35 -3.07 17.87 -5.69
N GLY A 36 -4.07 16.99 -5.70
CA GLY A 36 -3.88 15.63 -5.24
C GLY A 36 -4.79 15.33 -4.07
N PHE A 37 -5.10 14.05 -3.84
CA PHE A 37 -5.84 13.65 -2.65
C PHE A 37 -5.18 14.22 -1.38
N CYS A 38 -3.86 14.18 -1.31
CA CYS A 38 -3.19 14.50 -0.05
C CYS A 38 -3.36 15.97 0.30
N MET A 39 -3.05 16.85 -0.64
CA MET A 39 -3.14 18.29 -0.36
C MET A 39 -4.58 18.72 -0.10
N PHE A 40 -5.53 18.21 -0.90
CA PHE A 40 -6.95 18.50 -0.67
C PHE A 40 -7.40 18.03 0.70
N ASP A 41 -6.87 16.91 1.18
CA ASP A 41 -7.27 16.42 2.49
C ASP A 41 -6.76 17.30 3.62
N MET A 42 -5.54 17.83 3.48
CA MET A 42 -5.02 18.75 4.48
C MET A 42 -5.86 20.01 4.57
N GLU A 43 -6.00 20.72 3.43
CA GLU A 43 -6.81 21.94 3.39
C GLU A 43 -8.17 21.71 4.02
N CYS A 44 -8.81 20.59 3.70
CA CYS A 44 -10.10 20.29 4.30
C CYS A 44 -10.01 20.09 5.81
N HIS A 45 -8.95 19.47 6.31
CA HIS A 45 -8.76 19.34 7.75
C HIS A 45 -8.64 20.71 8.41
N LYS A 46 -7.66 21.56 7.93
CA LYS A 46 -7.47 22.90 8.45
C LYS A 46 -8.76 23.72 8.36
N LYS A 47 -9.25 23.94 7.14
CA LYS A 47 -10.27 24.95 6.93
C LYS A 47 -11.67 24.54 7.36
N TYR A 48 -11.92 23.27 7.66
CA TYR A 48 -13.24 22.87 8.13
C TYR A 48 -13.22 22.15 9.45
N GLY A 49 -12.05 21.81 9.99
CA GLY A 49 -12.01 21.22 11.30
C GLY A 49 -11.83 19.71 11.35
N LYS A 50 -12.76 19.04 12.05
CA LYS A 50 -12.62 17.64 12.44
C LYS A 50 -13.51 16.67 11.67
N VAL A 51 -14.64 17.13 11.12
CA VAL A 51 -15.53 16.31 10.30
C VAL A 51 -15.96 17.16 9.13
N TRP A 52 -16.04 16.57 7.94
CA TRP A 52 -16.51 17.33 6.81
C TRP A 52 -16.96 16.35 5.73
N GLY A 53 -17.55 16.90 4.68
CA GLY A 53 -18.10 16.09 3.61
C GLY A 53 -17.80 16.72 2.28
N PHE A 54 -17.73 15.87 1.26
CA PHE A 54 -17.58 16.33 -0.12
C PHE A 54 -18.19 15.29 -1.05
N TYR A 55 -18.12 15.56 -2.35
CA TYR A 55 -18.79 14.75 -3.34
C TYR A 55 -17.81 14.37 -4.45
N ASP A 56 -17.49 13.09 -4.54
CA ASP A 56 -16.82 12.53 -5.70
C ASP A 56 -17.91 12.38 -6.75
N GLY A 57 -18.08 13.42 -7.57
CA GLY A 57 -19.23 13.51 -8.45
C GLY A 57 -20.52 13.59 -7.63
N GLN A 58 -21.33 12.54 -7.67
CA GLN A 58 -22.56 12.51 -6.91
C GLN A 58 -22.40 11.73 -5.63
N GLN A 59 -21.24 11.12 -5.42
CA GLN A 59 -21.05 10.22 -4.29
C GLN A 59 -20.55 10.99 -3.09
N PRO A 60 -21.33 11.12 -2.04
CA PRO A 60 -20.87 11.82 -0.84
C PRO A 60 -19.81 11.02 -0.08
N VAL A 61 -18.78 11.71 0.36
CA VAL A 61 -17.70 11.11 1.12
C VAL A 61 -17.59 11.88 2.43
N LEU A 62 -17.75 11.19 3.56
CA LEU A 62 -17.70 11.81 4.87
C LEU A 62 -16.34 11.51 5.51
N ALA A 63 -15.48 12.53 5.54
CA ALA A 63 -14.20 12.43 6.24
C ALA A 63 -14.39 12.49 7.77
N ILE A 64 -13.65 11.64 8.50
CA ILE A 64 -13.70 11.61 9.96
C ILE A 64 -12.29 11.55 10.49
N THR A 65 -12.04 12.26 11.60
CA THR A 65 -10.70 12.34 12.17
C THR A 65 -10.67 12.16 13.69
N ASP A 66 -11.76 11.72 14.31
CA ASP A 66 -11.77 11.49 15.74
C ASP A 66 -11.33 10.07 16.04
N PRO A 67 -10.23 9.87 16.78
CA PRO A 67 -9.75 8.51 17.03
C PRO A 67 -10.81 7.55 17.56
N ASP A 68 -11.73 8.02 18.41
CA ASP A 68 -12.80 7.14 18.88
C ASP A 68 -13.77 6.84 17.74
N MET A 69 -14.08 7.85 16.95
CA MET A 69 -14.96 7.65 15.81
C MET A 69 -14.30 6.75 14.76
N ILE A 70 -13.01 6.98 14.51
CA ILE A 70 -12.26 6.14 13.59
C ILE A 70 -12.31 4.69 14.07
N LYS A 71 -12.03 4.46 15.35
CA LYS A 71 -12.01 3.09 15.87
C LYS A 71 -13.35 2.41 15.66
N THR A 72 -14.44 3.14 15.92
CA THR A 72 -15.77 2.59 15.73
C THR A 72 -15.93 2.04 14.32
N VAL A 73 -15.54 2.85 13.32
CA VAL A 73 -15.69 2.45 11.92
C VAL A 73 -14.76 1.29 11.58
N LEU A 74 -13.45 1.43 11.89
CA LEU A 74 -12.53 0.38 11.46
C LEU A 74 -12.68 -0.86 12.34
N VAL A 75 -12.83 -0.70 13.65
CA VAL A 75 -12.83 -1.86 14.53
C VAL A 75 -14.25 -2.29 14.87
N LYS A 76 -14.96 -1.42 15.61
CA LYS A 76 -16.15 -1.84 16.33
C LYS A 76 -17.24 -2.32 15.36
N GLU A 77 -17.74 -1.44 14.52
CA GLU A 77 -18.84 -1.78 13.63
C GLU A 77 -18.37 -2.21 12.24
N CYS A 78 -17.20 -2.83 12.15
CA CYS A 78 -16.66 -3.23 10.85
C CYS A 78 -17.58 -4.24 10.18
N TYR A 79 -17.94 -5.30 10.88
CA TYR A 79 -18.68 -6.41 10.30
C TYR A 79 -20.16 -6.11 10.10
N SER A 80 -20.68 -5.12 10.80
CA SER A 80 -22.10 -4.81 10.73
C SER A 80 -22.43 -3.68 9.77
N VAL A 81 -21.65 -2.60 9.79
CA VAL A 81 -21.97 -1.39 9.04
C VAL A 81 -20.92 -1.09 7.99
N PHE A 82 -19.64 -1.19 8.36
CA PHE A 82 -18.60 -0.69 7.47
C PHE A 82 -17.69 -1.80 6.96
N THR A 83 -18.24 -2.75 6.24
CA THR A 83 -17.48 -3.93 5.85
C THR A 83 -16.65 -3.76 4.58
N ASN A 84 -17.02 -2.85 3.67
CA ASN A 84 -16.47 -2.85 2.31
C ASN A 84 -15.94 -1.48 1.87
N ARG A 85 -15.00 -1.54 0.93
CA ARG A 85 -14.46 -0.35 0.30
C ARG A 85 -15.35 0.06 -0.88
N ARG A 86 -15.13 1.26 -1.38
N ARG A 86 -15.08 1.21 -1.44
CA ARG A 86 -15.94 1.83 -2.43
CA ARG A 86 -16.01 1.55 -2.52
C ARG A 86 -16.11 0.87 -3.59
C ARG A 86 -15.63 0.82 -3.82
N PRO A 87 -17.27 0.84 -4.25
N PRO A 87 -16.62 0.41 -4.60
CA PRO A 87 -17.40 0.04 -5.47
CA PRO A 87 -16.38 0.07 -6.01
C PRO A 87 -16.29 0.36 -6.46
C PRO A 87 -15.59 1.18 -6.69
N PHE A 88 -15.76 -0.69 -7.08
N PHE A 88 -14.67 0.78 -7.59
CA PHE A 88 -14.59 -0.62 -7.94
CA PHE A 88 -13.70 1.71 -8.15
C PHE A 88 -14.89 -1.39 -9.20
C PHE A 88 -13.41 1.45 -9.61
N GLY A 89 -14.68 -0.77 -10.35
N GLY A 89 -14.03 0.44 -10.21
CA GLY A 89 -14.97 -1.43 -11.60
CA GLY A 89 -13.80 0.13 -11.60
C GLY A 89 -14.31 -0.81 -12.81
C GLY A 89 -14.37 -1.23 -11.95
N PRO A 90 -14.31 -1.55 -13.92
N PRO A 90 -14.45 -1.50 -13.25
CA PRO A 90 -14.85 -2.93 -13.96
CA PRO A 90 -14.88 -2.84 -13.70
C PRO A 90 -13.78 -3.95 -13.60
C PRO A 90 -13.77 -3.84 -13.45
N VAL A 91 -14.10 -4.91 -12.72
CA VAL A 91 -13.08 -5.81 -12.19
C VAL A 91 -13.20 -7.24 -12.67
N GLY A 92 -14.29 -7.61 -13.34
CA GLY A 92 -14.36 -8.93 -13.94
C GLY A 92 -14.35 -10.04 -12.92
N PHE A 93 -13.47 -11.02 -13.10
CA PHE A 93 -13.35 -12.08 -12.11
C PHE A 93 -12.59 -11.63 -10.86
N MET A 94 -11.82 -10.54 -10.95
CA MET A 94 -11.09 -10.09 -9.77
C MET A 94 -12.01 -9.61 -8.68
N LYS A 95 -13.33 -9.71 -8.88
CA LYS A 95 -14.28 -9.52 -7.78
C LYS A 95 -14.11 -10.58 -6.69
N SER A 96 -13.29 -11.61 -6.94
CA SER A 96 -12.97 -12.63 -5.95
C SER A 96 -11.68 -12.32 -5.18
N ALA A 97 -10.92 -11.30 -5.56
CA ALA A 97 -9.75 -10.97 -4.76
C ALA A 97 -10.24 -10.42 -3.43
N ILE A 98 -9.56 -10.82 -2.34
CA ILE A 98 -10.07 -10.51 -1.01
C ILE A 98 -10.27 -9.01 -0.83
N SER A 99 -9.44 -8.20 -1.49
CA SER A 99 -9.60 -6.74 -1.41
C SER A 99 -10.90 -6.26 -2.02
N ILE A 100 -11.37 -6.92 -3.06
CA ILE A 100 -12.54 -6.43 -3.78
C ILE A 100 -13.81 -7.12 -3.31
N ALA A 101 -13.69 -8.36 -2.83
CA ALA A 101 -14.87 -9.06 -2.34
C ALA A 101 -15.47 -8.36 -1.12
N GLU A 102 -16.74 -8.63 -0.88
CA GLU A 102 -17.46 -7.86 0.11
C GLU A 102 -18.37 -8.73 0.94
N ASP A 103 -18.68 -8.25 2.14
CA ASP A 103 -19.61 -8.85 3.07
C ASP A 103 -19.09 -10.24 3.46
N GLU A 104 -19.93 -11.27 3.41
CA GLU A 104 -19.54 -12.61 3.83
C GLU A 104 -18.48 -13.21 2.92
N GLU A 105 -18.59 -13.00 1.61
CA GLU A 105 -17.57 -13.54 0.72
C GLU A 105 -16.20 -13.01 1.12
N TRP A 106 -16.15 -11.78 1.61
CA TRP A 106 -14.87 -11.27 2.12
C TRP A 106 -14.46 -12.03 3.37
N LYS A 107 -15.37 -12.18 4.34
CA LYS A 107 -15.04 -12.87 5.60
C LYS A 107 -14.51 -14.28 5.36
N ARG A 108 -15.12 -15.01 4.42
CA ARG A 108 -14.66 -16.33 4.07
C ARG A 108 -13.24 -16.29 3.51
N LEU A 109 -13.03 -15.45 2.49
CA LEU A 109 -11.70 -15.26 1.91
C LEU A 109 -10.70 -14.79 2.96
N ARG A 110 -11.14 -13.89 3.83
CA ARG A 110 -10.29 -13.38 4.89
C ARG A 110 -9.81 -14.53 5.78
N SER A 111 -10.71 -15.43 6.13
CA SER A 111 -10.38 -16.58 6.98
C SER A 111 -9.56 -17.61 6.23
N LEU A 112 -9.93 -17.91 5.00
CA LEU A 112 -9.20 -18.90 4.21
C LEU A 112 -7.78 -18.45 3.91
N LEU A 113 -7.42 -17.22 4.24
CA LEU A 113 -6.12 -16.68 3.93
C LEU A 113 -5.33 -16.19 5.14
N SER A 114 -5.99 -15.90 6.26
CA SER A 114 -5.28 -15.51 7.47
C SER A 114 -4.16 -16.47 7.88
N PRO A 115 -4.32 -17.80 7.82
CA PRO A 115 -3.21 -18.68 8.21
C PRO A 115 -2.07 -18.64 7.24
N THR A 116 -2.28 -18.12 6.04
CA THR A 116 -1.18 -17.97 5.11
C THR A 116 -0.26 -16.81 5.48
N PHE A 117 -0.71 -15.91 6.35
CA PHE A 117 0.09 -14.73 6.71
C PHE A 117 0.56 -14.73 8.16
N THR A 118 0.44 -15.86 8.87
CA THR A 118 1.00 -15.98 10.20
C THR A 118 2.51 -15.71 10.19
N SER A 119 3.05 -15.54 11.40
CA SER A 119 4.48 -15.34 11.58
C SER A 119 5.26 -16.61 11.27
N GLY A 120 4.69 -17.77 11.62
CA GLY A 120 5.32 -19.03 11.27
C GLY A 120 5.53 -19.17 9.77
N LYS A 121 4.46 -19.01 9.00
CA LYS A 121 4.59 -19.05 7.55
C LYS A 121 5.61 -18.03 7.06
N LEU A 122 5.67 -16.85 7.69
CA LEU A 122 6.59 -15.80 7.25
C LEU A 122 8.04 -16.17 7.55
N LYS A 123 8.32 -16.68 8.75
CA LYS A 123 9.67 -17.06 9.12
C LYS A 123 10.25 -18.10 8.16
N GLU A 124 9.42 -18.97 7.58
CA GLU A 124 9.89 -19.93 6.61
C GLU A 124 10.05 -19.36 5.20
N MET A 125 9.53 -18.15 4.93
CA MET A 125 9.79 -17.48 3.66
C MET A 125 11.02 -16.59 3.70
N VAL A 126 11.52 -16.28 4.89
CA VAL A 126 12.71 -15.43 5.01
C VAL A 126 13.89 -15.93 4.18
N PRO A 127 14.23 -17.23 4.14
CA PRO A 127 15.37 -17.64 3.32
C PRO A 127 15.14 -17.45 1.85
N ILE A 128 13.89 -17.41 1.41
CA ILE A 128 13.63 -17.06 0.03
C ILE A 128 13.76 -15.56 -0.17
N ILE A 129 12.99 -14.76 0.59
CA ILE A 129 13.13 -13.30 0.49
C ILE A 129 14.60 -12.90 0.59
N ALA A 130 15.32 -13.48 1.56
CA ALA A 130 16.69 -13.05 1.81
C ALA A 130 17.61 -13.36 0.63
N GLN A 131 17.27 -14.36 -0.18
CA GLN A 131 18.16 -14.72 -1.27
C GLN A 131 18.28 -13.58 -2.27
N TYR A 132 17.17 -12.92 -2.56
CA TYR A 132 17.14 -11.84 -3.53
C TYR A 132 17.61 -10.51 -2.93
N GLY A 133 17.82 -10.46 -1.62
CA GLY A 133 18.70 -9.44 -1.08
C GLY A 133 20.14 -9.60 -1.55
N ASP A 134 20.63 -10.84 -1.60
CA ASP A 134 21.96 -11.07 -2.19
C ASP A 134 21.97 -10.67 -3.65
N VAL A 135 20.95 -10.89 -4.29
CA VAL A 135 20.90 -10.52 -5.69
C VAL A 135 20.91 -9.00 -5.82
N LEU A 136 20.19 -8.33 -4.92
CA LEU A 136 20.15 -6.87 -4.92
C LEU A 136 21.55 -6.28 -4.74
N VAL A 137 22.31 -6.81 -3.77
CA VAL A 137 23.60 -6.21 -3.48
C VAL A 137 24.54 -6.38 -4.68
N ARG A 138 24.52 -7.55 -5.33
CA ARG A 138 25.38 -7.75 -6.50
C ARG A 138 25.03 -6.78 -7.61
N ASN A 139 23.74 -6.53 -7.84
CA ASN A 139 23.36 -5.57 -8.86
C ASN A 139 23.58 -4.14 -8.42
N LEU A 140 23.42 -3.86 -7.13
CA LEU A 140 23.76 -2.54 -6.63
C LEU A 140 25.26 -2.26 -6.74
N ARG A 141 26.08 -3.27 -6.47
CA ARG A 141 27.53 -3.05 -6.50
C ARG A 141 27.99 -2.68 -7.91
N ARG A 142 27.47 -3.36 -8.92
CA ARG A 142 27.90 -3.09 -10.29
C ARG A 142 27.57 -1.66 -10.70
N GLU A 143 26.47 -1.09 -10.15
CA GLU A 143 26.21 0.31 -10.36
C GLU A 143 26.95 1.21 -9.39
N ALA A 144 27.32 0.67 -8.25
CA ALA A 144 28.20 1.39 -7.34
C ALA A 144 29.66 1.37 -7.82
N GLU A 145 30.01 0.34 -8.58
CA GLU A 145 31.36 0.21 -9.11
C GLU A 145 31.64 1.34 -10.08
N THR A 146 30.76 1.47 -11.06
CA THR A 146 30.91 2.50 -12.08
C THR A 146 30.18 3.67 -11.43
N GLY A 147 30.89 4.78 -11.26
CA GLY A 147 30.33 5.98 -10.67
C GLY A 147 29.27 6.53 -11.60
N LYS A 148 28.02 6.17 -11.34
CA LYS A 148 26.89 6.61 -12.14
C LYS A 148 25.67 6.66 -11.22
N PRO A 149 25.00 7.81 -11.14
CA PRO A 149 23.84 7.93 -10.25
C PRO A 149 22.91 6.72 -10.32
N VAL A 150 22.30 6.34 -9.19
CA VAL A 150 21.39 5.19 -9.19
C VAL A 150 19.96 5.70 -9.01
N THR A 151 19.05 5.24 -9.88
CA THR A 151 17.63 5.58 -9.82
C THR A 151 16.90 4.51 -9.00
N LEU A 152 16.58 4.87 -7.76
CA LEU A 152 16.22 3.86 -6.77
C LEU A 152 15.06 3.00 -7.23
N LYS A 153 14.10 3.61 -7.94
CA LYS A 153 12.86 2.93 -8.28
C LYS A 153 13.08 1.76 -9.22
N ASP A 154 14.17 1.77 -9.98
CA ASP A 154 14.44 0.64 -10.85
C ASP A 154 15.18 -0.45 -10.11
N VAL A 155 16.08 -0.10 -9.17
CA VAL A 155 16.81 -1.17 -8.52
C VAL A 155 15.95 -1.79 -7.43
N PHE A 156 15.15 -0.98 -6.72
CA PHE A 156 14.18 -1.49 -5.76
C PHE A 156 12.94 -2.04 -6.45
N GLY A 157 12.57 -1.48 -7.60
CA GLY A 157 11.54 -2.11 -8.40
C GLY A 157 11.89 -3.54 -8.75
N ALA A 158 13.13 -3.77 -9.18
CA ALA A 158 13.51 -5.12 -9.56
C ALA A 158 13.57 -6.04 -8.35
N TYR A 159 14.03 -5.53 -7.21
CA TYR A 159 14.05 -6.36 -6.02
C TYR A 159 12.64 -6.77 -5.62
N SER A 160 11.70 -5.84 -5.68
CA SER A 160 10.35 -6.17 -5.25
C SER A 160 9.77 -7.25 -6.15
N MET A 161 10.04 -7.16 -7.45
CA MET A 161 9.52 -8.14 -8.39
C MET A 161 10.08 -9.51 -8.10
N ASP A 162 11.39 -9.59 -7.86
CA ASP A 162 12.02 -10.86 -7.56
C ASP A 162 11.44 -11.47 -6.29
N VAL A 163 11.13 -10.63 -5.30
CA VAL A 163 10.59 -11.15 -4.05
C VAL A 163 9.20 -11.72 -4.28
N ILE A 164 8.44 -11.14 -5.21
CA ILE A 164 7.07 -11.58 -5.40
C ILE A 164 7.00 -12.86 -6.23
N THR A 165 7.70 -12.91 -7.36
CA THR A 165 7.68 -14.11 -8.19
C THR A 165 8.00 -15.35 -7.36
N SER A 166 9.03 -15.24 -6.52
CA SER A 166 9.48 -16.39 -5.76
C SER A 166 8.65 -16.63 -4.51
N THR A 167 8.01 -15.60 -3.93
CA THR A 167 7.20 -15.87 -2.75
C THR A 167 5.79 -16.35 -3.09
N SER A 168 5.27 -16.02 -4.28
CA SER A 168 3.92 -16.45 -4.60
C SER A 168 3.86 -17.52 -5.67
N PHE A 169 4.94 -17.72 -6.45
CA PHE A 169 4.93 -18.73 -7.50
C PHE A 169 6.18 -19.59 -7.55
N GLY A 170 7.13 -19.42 -6.65
CA GLY A 170 8.38 -20.17 -6.74
C GLY A 170 9.18 -19.88 -7.99
N VAL A 171 8.77 -18.93 -8.81
CA VAL A 171 9.50 -18.56 -10.01
C VAL A 171 10.72 -17.75 -9.61
N ASN A 172 11.91 -18.26 -9.94
CA ASN A 172 13.17 -17.74 -9.42
C ASN A 172 13.86 -16.95 -10.51
N ILE A 173 13.61 -15.65 -10.53
CA ILE A 173 14.13 -14.79 -11.58
C ILE A 173 15.06 -13.75 -10.99
N ASP A 174 15.94 -13.24 -11.84
CA ASP A 174 16.74 -12.04 -11.59
C ASP A 174 16.18 -10.97 -12.51
N SER A 175 15.00 -10.46 -12.15
CA SER A 175 14.18 -9.65 -13.06
C SER A 175 14.98 -8.56 -13.75
N LEU A 176 15.95 -7.98 -13.06
CA LEU A 176 16.74 -6.92 -13.68
C LEU A 176 17.55 -7.46 -14.85
N ASN A 177 18.36 -8.48 -14.61
CA ASN A 177 19.23 -9.06 -15.64
C ASN A 177 18.49 -9.91 -16.66
N ASN A 178 17.20 -10.19 -16.43
CA ASN A 178 16.35 -10.89 -17.39
C ASN A 178 15.18 -10.00 -17.78
N PRO A 179 15.44 -8.80 -18.26
CA PRO A 179 14.34 -7.85 -18.47
C PRO A 179 13.41 -8.25 -19.63
N GLN A 180 13.53 -9.51 -20.07
CA GLN A 180 12.76 -10.03 -21.20
C GLN A 180 12.14 -11.38 -20.92
N ASP A 181 12.18 -11.86 -19.67
CA ASP A 181 11.53 -13.11 -19.30
C ASP A 181 10.02 -13.00 -19.56
N PRO A 182 9.35 -14.10 -19.92
CA PRO A 182 7.88 -14.04 -20.00
C PRO A 182 7.24 -13.61 -18.69
N PHE A 183 7.69 -14.18 -17.57
CA PHE A 183 7.08 -13.91 -16.29
C PHE A 183 7.32 -12.50 -15.77
N VAL A 184 8.29 -11.76 -16.32
CA VAL A 184 8.53 -10.41 -15.85
C VAL A 184 7.66 -9.40 -16.60
N GLU A 185 7.39 -9.65 -17.88
CA GLU A 185 6.67 -8.67 -18.68
C GLU A 185 5.26 -8.41 -18.16
N ASN A 186 4.55 -9.47 -17.74
CA ASN A 186 3.18 -9.28 -17.32
C ASN A 186 3.10 -8.74 -15.90
N THR A 187 3.88 -9.32 -15.00
CA THR A 187 3.83 -8.88 -13.61
C THR A 187 4.27 -7.42 -13.47
N LYS A 188 5.10 -6.92 -14.41
CA LYS A 188 5.48 -5.50 -14.38
C LYS A 188 4.37 -4.58 -14.86
N LYS A 189 3.36 -5.13 -15.53
CA LYS A 189 2.18 -4.38 -15.95
C LYS A 189 1.14 -4.30 -14.84
N LEU A 190 1.48 -4.74 -13.63
CA LEU A 190 0.54 -4.79 -12.50
C LEU A 190 0.86 -3.68 -11.50
N LEU A 191 0.76 -2.44 -11.96
CA LEU A 191 1.06 -1.26 -11.16
C LEU A 191 -0.18 -0.74 -10.42
N ARG A 192 0.07 0.14 -9.43
CA ARG A 192 -1.03 0.66 -8.63
C ARG A 192 -1.89 1.63 -9.45
N PHE A 193 -3.17 1.70 -9.10
CA PHE A 193 -4.09 2.53 -9.88
C PHE A 193 -3.98 4.00 -9.49
N ASP A 194 -3.95 4.86 -10.51
CA ASP A 194 -3.99 6.32 -10.38
C ASP A 194 -5.45 6.77 -10.55
N PHE A 195 -6.18 6.84 -9.42
CA PHE A 195 -7.59 7.22 -9.42
C PHE A 195 -7.84 8.67 -9.77
N LEU A 196 -6.78 9.41 -10.09
CA LEU A 196 -6.89 10.78 -10.58
C LEU A 196 -6.49 10.89 -12.05
N ASP A 197 -6.29 9.76 -12.73
CA ASP A 197 -5.96 9.76 -14.15
C ASP A 197 -7.25 9.75 -14.95
N PRO A 198 -7.18 10.04 -16.28
CA PRO A 198 -8.42 10.26 -17.04
C PRO A 198 -9.48 9.19 -16.83
N PHE A 199 -9.15 7.93 -17.10
CA PHE A 199 -10.11 6.84 -16.96
C PHE A 199 -10.77 6.84 -15.57
N PHE A 200 -9.98 6.75 -14.50
CA PHE A 200 -10.59 6.54 -13.19
C PHE A 200 -11.39 7.75 -12.73
N LEU A 201 -11.02 8.95 -13.15
CA LEU A 201 -11.84 10.11 -12.86
C LEU A 201 -13.19 10.01 -13.57
N SER A 202 -13.20 9.61 -14.84
CA SER A 202 -14.45 9.45 -15.55
C SER A 202 -15.34 8.43 -14.84
N ILE A 203 -14.76 7.30 -14.44
CA ILE A 203 -15.51 6.32 -13.67
C ILE A 203 -16.18 6.96 -12.46
N THR A 204 -15.55 7.99 -11.89
CA THR A 204 -16.08 8.63 -10.70
C THR A 204 -17.32 9.48 -11.00
N VAL A 205 -17.34 10.17 -12.14
CA VAL A 205 -18.49 10.99 -12.53
C VAL A 205 -19.32 10.34 -13.64
N PHE A 206 -18.97 9.13 -14.06
CA PHE A 206 -19.88 8.25 -14.79
C PHE A 206 -19.84 6.86 -14.17
N PRO A 207 -20.16 6.73 -12.87
CA PRO A 207 -20.18 5.37 -12.27
C PRO A 207 -21.08 4.44 -13.04
N PHE A 208 -22.16 4.96 -13.64
CA PHE A 208 -22.98 4.18 -14.55
C PHE A 208 -22.25 3.65 -15.78
N LEU A 209 -21.01 4.06 -16.05
CA LEU A 209 -20.25 3.48 -17.16
C LEU A 209 -19.58 2.16 -16.80
N ILE A 210 -19.44 1.87 -15.51
CA ILE A 210 -18.92 0.58 -15.11
C ILE A 210 -19.70 -0.57 -15.77
N PRO A 211 -21.02 -0.69 -15.60
CA PRO A 211 -21.73 -1.85 -16.19
C PRO A 211 -21.58 -1.97 -17.71
N ILE A 212 -21.55 -0.85 -18.40
CA ILE A 212 -21.24 -0.82 -19.82
C ILE A 212 -19.90 -1.47 -20.08
N LEU A 213 -18.89 -1.09 -19.29
CA LEU A 213 -17.58 -1.70 -19.47
C LEU A 213 -17.60 -3.17 -19.05
N GLU A 214 -18.28 -3.51 -17.93
CA GLU A 214 -18.28 -4.92 -17.46
C GLU A 214 -18.85 -5.86 -18.50
N VAL A 215 -19.64 -5.34 -19.44
CA VAL A 215 -20.31 -6.21 -20.41
C VAL A 215 -19.52 -6.29 -21.71
N LEU A 216 -18.63 -5.32 -21.99
CA LEU A 216 -17.63 -5.45 -23.04
C LEU A 216 -16.40 -6.21 -22.57
N ASN A 217 -16.41 -6.75 -21.35
CA ASN A 217 -15.28 -7.46 -20.74
C ASN A 217 -14.00 -6.62 -20.68
N ILE A 218 -14.13 -5.30 -20.86
CA ILE A 218 -13.08 -4.37 -20.50
C ILE A 218 -12.87 -4.40 -18.99
N CYS A 219 -11.62 -4.46 -18.57
CA CYS A 219 -11.33 -4.75 -17.17
C CYS A 219 -10.13 -3.93 -16.73
N VAL A 220 -10.13 -3.50 -15.45
CA VAL A 220 -9.01 -2.70 -14.96
C VAL A 220 -7.82 -3.57 -14.60
N PHE A 221 -8.02 -4.88 -14.53
CA PHE A 221 -6.88 -5.78 -14.50
C PHE A 221 -6.76 -6.35 -15.89
N PRO A 222 -5.70 -5.97 -16.67
CA PRO A 222 -5.57 -6.37 -18.08
C PRO A 222 -5.89 -7.81 -18.47
N ARG A 223 -6.65 -7.99 -19.55
CA ARG A 223 -6.97 -9.36 -19.94
C ARG A 223 -5.78 -10.29 -20.17
N GLU A 224 -4.67 -9.76 -20.67
CA GLU A 224 -3.50 -10.60 -20.96
C GLU A 224 -2.76 -10.98 -19.68
N VAL A 225 -2.46 -9.99 -18.83
CA VAL A 225 -1.80 -10.25 -17.56
C VAL A 225 -2.59 -11.30 -16.79
N THR A 226 -3.86 -11.03 -16.52
CA THR A 226 -4.69 -12.00 -15.83
C THR A 226 -4.80 -13.32 -16.59
N ASN A 227 -4.69 -13.31 -17.91
CA ASN A 227 -4.76 -14.58 -18.63
C ASN A 227 -3.45 -15.33 -18.53
N PHE A 228 -2.33 -14.63 -18.74
CA PHE A 228 -1.04 -15.28 -18.63
C PHE A 228 -0.88 -15.90 -17.25
N LEU A 229 -1.12 -15.11 -16.20
CA LEU A 229 -0.96 -15.64 -14.85
C LEU A 229 -1.96 -16.74 -14.57
N ARG A 230 -3.17 -16.65 -15.13
CA ARG A 230 -4.15 -17.69 -14.92
C ARG A 230 -3.64 -19.02 -15.44
N LYS A 231 -3.13 -19.04 -16.66
CA LYS A 231 -2.63 -20.29 -17.20
C LYS A 231 -1.28 -20.66 -16.59
N SER A 232 -0.41 -19.68 -16.37
CA SER A 232 0.88 -19.96 -15.75
C SER A 232 0.71 -20.58 -14.37
N VAL A 233 -0.38 -20.27 -13.68
CA VAL A 233 -0.60 -20.94 -12.41
C VAL A 233 -1.15 -22.34 -12.62
N LYS A 234 -1.96 -22.55 -13.66
CA LYS A 234 -2.47 -23.90 -13.90
C LYS A 234 -1.34 -24.85 -14.27
N ARG A 235 -0.24 -24.33 -14.81
CA ARG A 235 0.97 -25.14 -14.97
C ARG A 235 1.56 -25.50 -13.60
N MET A 236 1.84 -24.48 -12.77
CA MET A 236 2.50 -24.73 -11.49
C MET A 236 1.70 -25.69 -10.62
N LYS A 237 0.37 -25.57 -10.63
CA LYS A 237 -0.44 -26.52 -9.88
C LYS A 237 -0.26 -27.93 -10.40
N GLU A 238 -0.09 -28.08 -11.71
CA GLU A 238 -0.08 -29.38 -12.37
C GLU A 238 1.33 -29.96 -12.51
N SER A 239 2.38 -29.20 -12.21
CA SER A 239 3.72 -29.75 -12.08
C SER A 239 4.07 -30.09 -10.64
N ARG A 240 3.55 -29.32 -9.68
CA ARG A 240 3.67 -29.71 -8.29
C ARG A 240 2.90 -30.99 -8.00
N LEU A 241 1.78 -31.20 -8.70
CA LEU A 241 0.92 -32.37 -8.51
C LEU A 241 1.12 -33.28 -9.70
N ARG A 248 7.47 -26.27 -1.90
CA ARG A 248 8.16 -25.11 -1.36
C ARG A 248 7.43 -24.56 -0.14
N VAL A 249 7.44 -23.24 0.02
CA VAL A 249 6.91 -22.54 1.19
C VAL A 249 6.22 -21.27 0.74
N ASP A 250 5.88 -21.19 -0.53
CA ASP A 250 5.46 -19.95 -1.14
C ASP A 250 3.93 -19.78 -1.06
N PHE A 251 3.46 -18.57 -1.40
CA PHE A 251 2.04 -18.27 -1.22
C PHE A 251 1.17 -19.24 -1.98
N LEU A 252 1.54 -19.56 -3.22
CA LEU A 252 0.75 -20.50 -4.01
C LEU A 252 0.54 -21.81 -3.26
N GLN A 253 1.61 -22.35 -2.68
CA GLN A 253 1.54 -23.66 -2.06
C GLN A 253 0.73 -23.61 -0.78
N LEU A 254 0.93 -22.57 0.03
CA LEU A 254 0.14 -22.45 1.25
C LEU A 254 -1.34 -22.38 0.91
N MET A 255 -1.65 -21.83 -0.27
CA MET A 255 -3.02 -21.73 -0.76
C MET A 255 -3.48 -23.06 -1.33
N ILE A 256 -2.66 -23.68 -2.18
CA ILE A 256 -2.95 -25.05 -2.61
C ILE A 256 -3.11 -25.94 -1.39
N ASP A 257 -2.36 -25.68 -0.32
CA ASP A 257 -2.56 -26.41 0.92
C ASP A 257 -3.98 -26.20 1.46
N SER A 258 -4.35 -24.94 1.70
CA SER A 258 -5.62 -24.67 2.37
C SER A 258 -6.87 -25.07 1.56
N GLN A 259 -6.68 -25.78 0.45
CA GLN A 259 -7.80 -26.39 -0.26
C GLN A 259 -7.70 -27.91 -0.44
N ASN A 260 -7.07 -28.59 0.51
CA ASN A 260 -7.07 -30.05 0.61
C ASN A 260 -7.79 -30.49 1.89
N SER A 266 -14.08 -23.73 8.56
CA SER A 266 -15.50 -24.02 8.59
C SER A 266 -16.23 -23.40 7.40
N HIS A 267 -15.45 -22.82 6.49
CA HIS A 267 -16.01 -22.18 5.31
C HIS A 267 -15.72 -23.01 4.05
N LYS A 268 -16.18 -22.51 2.91
CA LYS A 268 -15.97 -23.20 1.64
C LYS A 268 -14.50 -23.13 1.21
N ALA A 269 -13.88 -24.30 1.04
CA ALA A 269 -12.49 -24.37 0.63
C ALA A 269 -12.20 -23.40 -0.51
N LEU A 270 -11.03 -22.77 -0.47
CA LEU A 270 -10.63 -21.82 -1.50
C LEU A 270 -10.76 -22.42 -2.89
N SER A 271 -11.52 -21.75 -3.76
CA SER A 271 -11.73 -22.21 -5.11
C SER A 271 -10.46 -22.09 -5.93
N ASP A 272 -10.50 -22.64 -7.13
CA ASP A 272 -9.37 -22.55 -8.04
C ASP A 272 -9.17 -21.12 -8.53
N LEU A 273 -10.20 -20.55 -9.15
CA LEU A 273 -10.06 -19.19 -9.67
C LEU A 273 -9.89 -18.19 -8.53
N GLU A 274 -10.46 -18.47 -7.36
CA GLU A 274 -10.24 -17.61 -6.21
C GLU A 274 -8.76 -17.59 -5.81
N LEU A 275 -8.09 -18.72 -5.93
CA LEU A 275 -6.66 -18.73 -5.64
C LEU A 275 -5.88 -17.88 -6.66
N VAL A 276 -6.26 -17.97 -7.94
CA VAL A 276 -5.64 -17.13 -8.97
C VAL A 276 -5.90 -15.67 -8.67
N ALA A 277 -7.08 -15.37 -8.16
CA ALA A 277 -7.44 -13.99 -7.86
C ALA A 277 -6.53 -13.43 -6.78
N GLN A 278 -6.30 -14.21 -5.72
CA GLN A 278 -5.48 -13.72 -4.62
C GLN A 278 -4.04 -13.52 -5.07
N SER A 279 -3.47 -14.48 -5.80
CA SER A 279 -2.09 -14.35 -6.22
C SER A 279 -1.86 -13.05 -6.99
N ILE A 280 -2.81 -12.67 -7.84
CA ILE A 280 -2.64 -11.42 -8.58
C ILE A 280 -2.79 -10.21 -7.67
N ILE A 281 -3.67 -10.30 -6.67
CA ILE A 281 -3.84 -9.11 -5.83
C ILE A 281 -2.64 -8.95 -4.90
N PHE A 282 -2.10 -10.05 -4.40
CA PHE A 282 -0.86 -9.97 -3.65
C PHE A 282 0.21 -9.22 -4.45
N ILE A 283 0.26 -9.45 -5.76
CA ILE A 283 1.21 -8.74 -6.60
C ILE A 283 0.87 -7.28 -6.65
N PHE A 284 -0.38 -7.01 -7.00
CA PHE A 284 -0.87 -5.66 -7.01
C PHE A 284 -0.63 -4.96 -5.67
N ALA A 285 -0.95 -5.62 -4.54
CA ALA A 285 -0.75 -4.92 -3.27
C ALA A 285 0.73 -4.70 -2.96
N GLY A 286 1.63 -5.55 -3.48
CA GLY A 286 2.97 -5.64 -2.95
C GLY A 286 4.09 -5.09 -3.79
N TYR A 287 3.83 -4.90 -5.09
CA TYR A 287 4.87 -4.52 -6.02
C TYR A 287 5.26 -3.05 -5.90
N GLU A 288 4.39 -2.16 -6.35
CA GLU A 288 4.74 -0.74 -6.33
C GLU A 288 4.78 -0.20 -4.91
N THR A 289 3.94 -0.73 -4.01
CA THR A 289 3.93 -0.24 -2.64
C THR A 289 5.31 -0.38 -2.03
N THR A 290 5.88 -1.59 -2.11
CA THR A 290 7.18 -1.87 -1.50
C THR A 290 8.26 -1.02 -2.11
N SER A 291 8.35 -1.02 -3.44
CA SER A 291 9.45 -0.28 -4.07
C SER A 291 9.34 1.20 -3.78
N SER A 292 8.11 1.72 -3.74
CA SER A 292 7.94 3.14 -3.41
C SER A 292 8.36 3.45 -1.99
N VAL A 293 8.05 2.59 -1.01
CA VAL A 293 8.49 2.91 0.34
C VAL A 293 9.99 2.75 0.48
N LEU A 294 10.57 1.72 -0.15
CA LEU A 294 12.02 1.57 -0.06
C LEU A 294 12.72 2.80 -0.59
N SER A 295 12.13 3.45 -1.60
CA SER A 295 12.75 4.64 -2.18
C SER A 295 12.56 5.85 -1.29
N PHE A 296 11.36 6.02 -0.74
CA PHE A 296 11.19 7.08 0.23
C PHE A 296 12.19 6.94 1.36
N ILE A 297 12.40 5.71 1.85
CA ILE A 297 13.28 5.53 2.99
C ILE A 297 14.71 5.87 2.60
N MET A 298 15.13 5.42 1.42
CA MET A 298 16.45 5.74 0.95
C MET A 298 16.64 7.24 0.77
N TYR A 299 15.60 7.95 0.32
CA TYR A 299 15.68 9.41 0.27
C TYR A 299 15.96 9.99 1.65
N GLU A 300 15.19 9.55 2.65
CA GLU A 300 15.34 10.10 3.99
C GLU A 300 16.70 9.75 4.60
N LEU A 301 17.18 8.53 4.39
CA LEU A 301 18.48 8.12 4.90
C LEU A 301 19.62 8.84 4.19
N ALA A 302 19.42 9.19 2.92
CA ALA A 302 20.42 9.90 2.14
C ALA A 302 20.45 11.39 2.42
N THR A 303 19.35 11.94 2.92
CA THR A 303 19.28 13.32 3.34
C THR A 303 19.40 13.47 4.86
N HIS A 304 19.81 12.41 5.56
CA HIS A 304 20.19 12.49 6.98
C HIS A 304 21.27 11.45 7.24
N PRO A 305 22.51 11.70 6.78
CA PRO A 305 23.57 10.67 6.95
C PRO A 305 23.81 10.27 8.40
N ASP A 306 23.36 11.06 9.37
CA ASP A 306 23.47 10.65 10.77
C ASP A 306 22.52 9.48 11.06
N VAL A 307 21.29 9.56 10.59
CA VAL A 307 20.38 8.43 10.74
C VAL A 307 20.95 7.21 10.04
N GLN A 308 21.42 7.41 8.81
CA GLN A 308 21.96 6.30 8.04
C GLN A 308 23.12 5.64 8.78
N GLN A 309 24.13 6.44 9.14
CA GLN A 309 25.27 5.91 9.87
C GLN A 309 24.80 5.19 11.13
N LYS A 310 23.90 5.82 11.88
CA LYS A 310 23.37 5.21 13.09
C LYS A 310 22.77 3.84 12.82
N LEU A 311 22.00 3.73 11.72
CA LEU A 311 21.39 2.45 11.35
C LEU A 311 22.45 1.45 10.90
N GLN A 312 23.37 1.89 10.03
CA GLN A 312 24.49 1.03 9.68
C GLN A 312 25.21 0.51 10.92
N GLU A 313 25.41 1.38 11.90
CA GLU A 313 26.01 0.95 13.17
C GLU A 313 25.12 -0.08 13.87
N GLU A 314 23.81 0.15 13.95
CA GLU A 314 22.96 -0.82 14.63
C GLU A 314 22.93 -2.15 13.87
N ILE A 315 23.09 -2.11 12.54
CA ILE A 315 23.13 -3.33 11.75
C ILE A 315 24.44 -4.10 11.99
N ASP A 316 25.59 -3.43 11.88
CA ASP A 316 26.86 -4.11 12.11
C ASP A 316 26.93 -4.72 13.52
N ALA A 317 26.32 -4.08 14.51
CA ALA A 317 26.30 -4.64 15.86
C ALA A 317 25.58 -5.99 15.90
N VAL A 318 24.37 -6.05 15.34
CA VAL A 318 23.63 -7.31 15.39
C VAL A 318 24.23 -8.33 14.43
N LEU A 319 24.72 -7.86 13.29
CA LEU A 319 25.22 -8.72 12.21
C LEU A 319 26.70 -8.44 12.00
N PRO A 320 27.57 -9.07 12.79
CA PRO A 320 29.01 -8.77 12.69
C PRO A 320 29.60 -9.29 11.39
N ASN A 321 30.25 -8.38 10.65
CA ASN A 321 30.98 -8.72 9.42
C ASN A 321 30.02 -9.09 8.28
N LYS A 322 29.07 -8.21 8.01
CA LYS A 322 28.08 -8.43 6.95
C LYS A 322 27.44 -9.82 7.08
N ALA A 323 27.28 -10.26 8.33
CA ALA A 323 26.52 -11.46 8.65
C ALA A 323 25.11 -11.38 8.04
N PRO A 324 24.53 -12.52 7.65
CA PRO A 324 23.29 -12.50 6.88
C PRO A 324 22.08 -12.35 7.81
N PRO A 325 21.18 -11.41 7.50
CA PRO A 325 20.04 -11.18 8.39
C PRO A 325 19.14 -12.39 8.47
N THR A 326 18.56 -12.62 9.65
CA THR A 326 17.56 -13.68 9.82
C THR A 326 16.27 -13.08 10.40
N TYR A 327 15.19 -13.83 10.26
CA TYR A 327 13.92 -13.40 10.85
C TYR A 327 14.14 -12.79 12.23
N ASP A 328 14.89 -13.49 13.07
CA ASP A 328 15.00 -13.11 14.48
C ASP A 328 15.91 -11.90 14.66
N THR A 329 17.01 -11.83 13.93
CA THR A 329 17.89 -10.69 14.08
C THR A 329 17.32 -9.45 13.37
N VAL A 330 16.48 -9.67 12.37
CA VAL A 330 15.73 -8.56 11.79
C VAL A 330 14.84 -7.91 12.83
N LEU A 331 14.14 -8.73 13.62
CA LEU A 331 13.22 -8.18 14.60
C LEU A 331 13.94 -7.64 15.82
N GLN A 332 15.25 -7.88 15.90
CA GLN A 332 16.06 -7.32 16.97
C GLN A 332 16.16 -5.81 16.88
N MET A 333 16.17 -5.24 15.67
CA MET A 333 16.73 -3.91 15.41
C MET A 333 15.70 -2.82 15.65
N GLU A 334 15.84 -2.11 16.77
CA GLU A 334 14.85 -1.08 17.11
C GLU A 334 14.94 0.10 16.16
N TYR A 335 16.17 0.57 15.88
CA TYR A 335 16.35 1.80 15.12
C TYR A 335 15.92 1.63 13.68
N LEU A 336 16.21 0.46 13.08
CA LEU A 336 15.63 0.09 11.79
C LEU A 336 14.11 0.25 11.80
N ASP A 337 13.45 -0.35 12.79
CA ASP A 337 12.01 -0.22 12.93
C ASP A 337 11.57 1.24 12.96
N MET A 338 12.30 2.08 13.70
CA MET A 338 11.95 3.50 13.86
C MET A 338 12.07 4.24 12.54
N VAL A 339 13.07 3.88 11.72
CA VAL A 339 13.24 4.50 10.41
C VAL A 339 12.09 4.09 9.50
N VAL A 340 11.74 2.79 9.50
CA VAL A 340 10.66 2.31 8.66
C VAL A 340 9.34 2.99 9.06
N ASN A 341 9.02 3.00 10.33
CA ASN A 341 7.77 3.61 10.77
C ASN A 341 7.76 5.12 10.52
N GLU A 342 8.86 5.82 10.82
CA GLU A 342 8.82 7.26 10.61
C GLU A 342 8.71 7.59 9.13
N THR A 343 9.26 6.75 8.26
CA THR A 343 9.10 7.00 6.83
C THR A 343 7.65 6.80 6.41
N LEU A 344 6.98 5.77 6.96
CA LEU A 344 5.60 5.55 6.61
C LEU A 344 4.71 6.59 7.23
N ARG A 345 5.18 7.30 8.24
CA ARG A 345 4.36 8.41 8.73
C ARG A 345 4.29 9.50 7.68
N LEU A 346 5.46 9.95 7.22
CA LEU A 346 5.46 10.96 6.18
C LEU A 346 4.73 10.49 4.93
N PHE A 347 4.92 9.24 4.54
CA PHE A 347 4.49 8.77 3.22
C PHE A 347 3.56 7.57 3.30
N PRO A 348 2.40 7.71 3.91
CA PRO A 348 1.50 6.56 3.94
C PRO A 348 0.85 6.39 2.56
N ILE A 349 1.28 5.37 1.80
CA ILE A 349 1.09 5.39 0.35
C ILE A 349 -0.32 5.04 -0.08
N ALA A 350 -1.15 4.53 0.83
CA ALA A 350 -2.59 4.38 0.59
C ALA A 350 -3.33 5.70 0.65
N MET A 351 -2.75 6.69 1.33
CA MET A 351 -3.26 8.06 1.45
C MET A 351 -4.53 8.10 2.27
N ARG A 352 -5.53 7.29 1.91
CA ARG A 352 -6.78 7.22 2.65
C ARG A 352 -7.16 5.76 2.88
N LEU A 353 -7.93 5.57 3.93
CA LEU A 353 -8.70 4.36 4.19
C LEU A 353 -10.17 4.72 4.02
N GLU A 354 -10.97 3.76 3.59
CA GLU A 354 -12.36 4.08 3.32
C GLU A 354 -13.24 2.90 3.63
N ARG A 355 -14.50 3.17 3.95
CA ARG A 355 -15.46 2.08 4.03
C ARG A 355 -16.79 2.62 3.57
N VAL A 356 -17.57 1.78 2.92
CA VAL A 356 -18.92 2.16 2.56
C VAL A 356 -19.84 1.95 3.76
N CYS A 357 -20.59 2.98 4.11
CA CYS A 357 -21.70 2.89 5.06
C CYS A 357 -22.87 2.15 4.42
N LYS A 358 -23.17 0.93 4.88
CA LYS A 358 -24.20 0.09 4.29
C LYS A 358 -25.54 0.12 5.04
N LYS A 359 -25.65 0.92 6.10
CA LYS A 359 -26.87 1.11 6.87
C LYS A 359 -26.85 2.54 7.37
N ASP A 360 -27.98 2.99 7.90
CA ASP A 360 -28.00 4.20 8.69
C ASP A 360 -27.45 3.91 10.07
N VAL A 361 -26.69 4.84 10.64
CA VAL A 361 -26.07 4.63 11.94
C VAL A 361 -25.86 5.96 12.63
N GLU A 362 -25.72 5.89 13.95
CA GLU A 362 -25.22 6.97 14.77
C GLU A 362 -23.98 6.43 15.47
N ILE A 363 -22.86 7.12 15.33
CA ILE A 363 -21.61 6.70 15.97
C ILE A 363 -20.91 7.92 16.52
N ASN A 364 -20.74 7.96 17.84
CA ASN A 364 -20.04 9.05 18.53
C ASN A 364 -20.70 10.41 18.25
N GLY A 365 -22.01 10.45 18.46
CA GLY A 365 -22.77 11.67 18.32
C GLY A 365 -22.89 12.17 16.90
N MET A 366 -23.06 11.26 15.95
CA MET A 366 -23.11 11.62 14.53
C MET A 366 -23.92 10.59 13.78
N PHE A 367 -24.95 11.05 13.07
CA PHE A 367 -25.76 10.17 12.24
C PHE A 367 -25.12 10.07 10.88
N ILE A 368 -25.14 8.88 10.29
CA ILE A 368 -24.53 8.66 8.99
C ILE A 368 -25.49 7.90 8.09
N PRO A 369 -25.93 8.50 6.98
CA PRO A 369 -26.92 7.83 6.13
C PRO A 369 -26.28 6.70 5.34
N LYS A 370 -27.06 5.63 5.17
CA LYS A 370 -26.68 4.54 4.28
C LYS A 370 -26.16 5.10 2.95
N GLY A 371 -24.99 4.61 2.52
CA GLY A 371 -24.42 4.86 1.20
C GLY A 371 -23.23 5.79 1.17
N VAL A 372 -22.99 6.54 2.25
CA VAL A 372 -21.87 7.47 2.32
C VAL A 372 -20.55 6.69 2.35
N VAL A 373 -19.57 7.11 1.58
CA VAL A 373 -18.22 6.56 1.78
C VAL A 373 -17.66 7.28 3.00
N VAL A 374 -17.36 6.55 4.06
CA VAL A 374 -16.69 7.15 5.20
C VAL A 374 -15.21 6.97 4.97
N MET A 375 -14.45 8.03 5.18
CA MET A 375 -13.06 8.09 4.74
C MET A 375 -12.18 8.61 5.85
N ILE A 376 -10.99 8.04 5.97
CA ILE A 376 -10.05 8.44 7.02
C ILE A 376 -8.78 8.98 6.38
N PRO A 377 -8.54 10.29 6.42
CA PRO A 377 -7.40 10.90 5.71
C PRO A 377 -6.03 10.66 6.33
N SER A 378 -5.52 9.44 6.13
CA SER A 378 -4.27 9.03 6.78
C SER A 378 -3.14 10.04 6.55
N TYR A 379 -2.92 10.45 5.29
CA TYR A 379 -1.80 11.35 5.02
C TYR A 379 -1.86 12.59 5.87
N ALA A 380 -3.07 13.12 6.09
CA ALA A 380 -3.19 14.41 6.75
C ALA A 380 -3.09 14.27 8.26
N LEU A 381 -3.54 13.15 8.80
CA LEU A 381 -3.40 12.89 10.23
C LEU A 381 -1.95 12.62 10.61
N HIS A 382 -1.25 11.82 9.79
CA HIS A 382 0.18 11.60 9.99
C HIS A 382 0.98 12.91 9.97
N ARG A 383 0.45 13.96 9.33
CA ARG A 383 1.13 15.25 9.27
C ARG A 383 0.32 16.33 9.97
N ASP A 384 -0.47 15.92 10.95
CA ASP A 384 -1.23 16.85 11.75
C ASP A 384 -0.33 17.47 12.81
N PRO A 385 -0.12 18.80 12.81
CA PRO A 385 0.57 19.43 13.94
C PRO A 385 -0.03 19.08 15.28
N LYS A 386 -1.35 18.95 15.33
CA LYS A 386 -2.06 18.74 16.57
C LYS A 386 -1.84 17.35 17.16
N TYR A 387 -1.22 16.43 16.43
CA TYR A 387 -0.77 15.19 17.02
C TYR A 387 0.72 14.97 16.91
N TRP A 388 1.41 15.74 16.07
CA TRP A 388 2.81 15.48 15.78
C TRP A 388 3.57 16.79 15.90
N THR A 389 4.58 16.80 16.77
CA THR A 389 5.52 17.91 16.83
C THR A 389 6.37 17.89 15.58
N GLU A 390 6.54 19.06 14.96
CA GLU A 390 7.36 19.22 13.78
C GLU A 390 7.05 18.14 12.73
N PRO A 391 5.81 18.11 12.23
CA PRO A 391 5.41 16.95 11.42
C PRO A 391 6.17 16.84 10.12
N GLU A 392 6.58 17.95 9.53
CA GLU A 392 7.31 17.92 8.26
C GLU A 392 8.67 17.24 8.38
N LYS A 393 9.20 17.08 9.59
CA LYS A 393 10.56 16.64 9.75
C LYS A 393 10.65 15.13 9.91
N PHE A 394 11.66 14.54 9.32
CA PHE A 394 11.97 13.13 9.47
C PHE A 394 12.66 12.93 10.82
N LEU A 395 11.91 12.41 11.79
CA LEU A 395 12.37 12.30 13.17
C LEU A 395 12.17 10.89 13.68
N PRO A 396 13.08 9.98 13.33
CA PRO A 396 12.90 8.56 13.67
C PRO A 396 12.61 8.32 15.14
N GLU A 397 13.09 9.24 16.00
CA GLU A 397 12.99 9.07 17.43
C GLU A 397 11.54 8.95 17.92
N ARG A 398 10.56 9.52 17.20
CA ARG A 398 9.23 9.52 17.80
C ARG A 398 8.68 8.12 17.99
N PHE A 399 9.34 7.10 17.44
CA PHE A 399 8.85 5.75 17.51
C PHE A 399 9.67 4.85 18.41
N SER A 400 10.72 5.37 19.04
CA SER A 400 11.49 4.61 20.01
C SER A 400 10.59 4.08 21.13
N LYS A 401 11.04 3.00 21.77
CA LYS A 401 10.32 2.41 22.90
C LYS A 401 9.91 3.46 23.93
N LYS A 402 10.69 4.54 24.06
CA LYS A 402 10.35 5.64 24.93
C LYS A 402 9.06 6.33 24.49
N ASN A 403 9.02 6.83 23.25
CA ASN A 403 7.92 7.68 22.79
C ASN A 403 6.79 6.93 22.12
N LYS A 404 7.02 5.67 21.71
CA LYS A 404 6.03 4.91 20.94
C LYS A 404 4.68 4.77 21.65
N ASP A 405 4.58 5.26 22.89
CA ASP A 405 3.41 4.97 23.72
C ASP A 405 2.24 5.92 23.44
N ASN A 406 2.50 7.21 23.29
CA ASN A 406 1.44 8.19 23.11
C ASN A 406 1.03 8.36 21.65
N ILE A 407 1.40 7.42 20.77
CA ILE A 407 0.95 7.45 19.40
C ILE A 407 -0.36 6.68 19.31
N ASP A 408 -1.42 7.38 18.95
CA ASP A 408 -2.71 6.73 18.77
C ASP A 408 -2.68 5.82 17.54
N PRO A 409 -3.04 4.55 17.67
CA PRO A 409 -3.12 3.66 16.50
C PRO A 409 -4.31 3.92 15.58
N TYR A 410 -5.04 5.02 15.79
CA TYR A 410 -6.10 5.44 14.87
C TYR A 410 -5.79 6.79 14.25
N ILE A 411 -4.68 7.42 14.64
CA ILE A 411 -4.08 8.51 13.85
C ILE A 411 -3.00 7.98 12.90
N TYR A 412 -2.15 7.07 13.36
CA TYR A 412 -1.06 6.51 12.55
C TYR A 412 -1.51 5.15 12.05
N THR A 413 -1.92 5.08 10.79
CA THR A 413 -2.49 3.86 10.22
C THR A 413 -1.96 3.66 8.81
N PRO A 414 -0.65 3.40 8.66
CA PRO A 414 -0.10 3.15 7.32
C PRO A 414 -0.54 1.84 6.72
N PHE A 415 -0.99 0.89 7.56
CA PHE A 415 -1.59 -0.35 7.10
C PHE A 415 -3.08 -0.47 7.48
N GLY A 416 -3.73 0.65 7.79
CA GLY A 416 -5.10 0.57 8.25
C GLY A 416 -5.20 0.02 9.67
N SER A 417 -6.43 -0.25 10.09
CA SER A 417 -6.63 -0.97 11.34
C SER A 417 -7.89 -1.81 11.21
N GLY A 418 -8.01 -2.79 12.11
CA GLY A 418 -9.22 -3.56 12.24
C GLY A 418 -9.22 -4.79 11.37
N PRO A 419 -10.36 -5.49 11.31
CA PRO A 419 -10.42 -6.76 10.56
C PRO A 419 -10.09 -6.64 9.07
N ARG A 420 -10.28 -5.48 8.46
CA ARG A 420 -9.99 -5.33 7.04
C ARG A 420 -8.61 -4.68 6.78
N ASN A 421 -7.74 -4.66 7.79
CA ASN A 421 -6.44 -4.03 7.64
C ASN A 421 -5.57 -4.83 6.66
N CYS A 422 -4.32 -4.40 6.52
CA CYS A 422 -3.41 -5.02 5.56
C CYS A 422 -3.01 -6.41 6.02
N ILE A 423 -3.56 -7.44 5.39
CA ILE A 423 -3.18 -8.81 5.70
C ILE A 423 -1.72 -9.12 5.36
N GLY A 424 -1.02 -8.20 4.68
CA GLY A 424 0.36 -8.38 4.33
C GLY A 424 1.35 -7.55 5.11
N MET A 425 0.90 -6.88 6.18
CA MET A 425 1.72 -6.00 7.00
C MET A 425 3.06 -6.63 7.40
N ARG A 426 3.03 -7.68 8.22
CA ARG A 426 4.25 -8.33 8.70
C ARG A 426 5.14 -8.76 7.53
N PHE A 427 4.54 -9.32 6.48
CA PHE A 427 5.33 -9.71 5.33
C PHE A 427 6.03 -8.51 4.72
N ALA A 428 5.35 -7.36 4.69
CA ALA A 428 5.90 -6.23 3.97
C ALA A 428 7.02 -5.59 4.75
N LEU A 429 6.85 -5.46 6.06
CA LEU A 429 7.91 -4.87 6.87
C LEU A 429 9.14 -5.76 6.87
N MET A 430 8.94 -7.08 6.86
CA MET A 430 10.05 -8.00 6.92
C MET A 430 10.78 -8.03 5.60
N ASN A 431 10.01 -7.88 4.51
CA ASN A 431 10.58 -7.78 3.16
C ASN A 431 11.41 -6.52 2.99
N MET A 432 10.83 -5.36 3.34
CA MET A 432 11.55 -4.10 3.23
C MET A 432 12.77 -4.06 4.13
N LYS A 433 12.68 -4.65 5.33
CA LYS A 433 13.75 -4.56 6.31
C LYS A 433 14.96 -5.37 5.86
N LEU A 434 14.70 -6.59 5.38
CA LEU A 434 15.73 -7.44 4.78
C LEU A 434 16.48 -6.73 3.66
N ALA A 435 15.74 -5.98 2.83
CA ALA A 435 16.32 -5.17 1.78
C ALA A 435 17.22 -4.11 2.36
N LEU A 436 16.66 -3.26 3.21
CA LEU A 436 17.42 -2.15 3.77
C LEU A 436 18.66 -2.63 4.53
N ILE A 437 18.56 -3.80 5.18
CA ILE A 437 19.68 -4.31 5.96
C ILE A 437 20.81 -4.65 4.99
N ARG A 438 20.59 -5.65 4.13
CA ARG A 438 21.63 -6.11 3.22
C ARG A 438 22.20 -5.00 2.35
N VAL A 439 21.47 -3.91 2.17
CA VAL A 439 21.95 -2.80 1.32
C VAL A 439 22.81 -1.82 2.11
N LEU A 440 22.40 -1.53 3.35
CA LEU A 440 23.18 -0.63 4.17
C LEU A 440 24.44 -1.32 4.69
N GLN A 441 24.39 -2.64 4.87
CA GLN A 441 25.57 -3.41 5.23
C GLN A 441 26.72 -3.15 4.26
N ASN A 442 26.40 -2.93 2.97
CA ASN A 442 27.41 -2.84 1.94
C ASN A 442 27.56 -1.49 1.30
N PHE A 443 26.67 -0.53 1.56
CA PHE A 443 26.68 0.71 0.80
C PHE A 443 26.32 1.88 1.70
N SER A 444 26.76 3.06 1.28
CA SER A 444 26.29 4.33 1.81
C SER A 444 25.70 5.14 0.66
N PHE A 445 24.85 6.09 1.01
CA PHE A 445 23.96 6.70 0.04
C PHE A 445 23.97 8.21 0.24
N LYS A 446 24.16 8.95 -0.85
CA LYS A 446 24.45 10.37 -0.73
C LYS A 446 23.59 11.17 -1.71
N PRO A 447 23.28 12.42 -1.36
CA PRO A 447 22.53 13.27 -2.28
C PRO A 447 23.34 13.61 -3.50
N CYS A 448 22.65 13.89 -4.59
CA CYS A 448 23.26 14.31 -5.85
C CYS A 448 22.94 15.77 -6.11
N LYS A 449 23.63 16.32 -7.10
CA LYS A 449 23.17 17.56 -7.70
C LYS A 449 21.75 17.39 -8.20
N GLU A 450 21.48 16.31 -8.93
CA GLU A 450 20.15 16.05 -9.48
C GLU A 450 19.17 15.51 -8.45
N THR A 451 19.64 15.04 -7.30
CA THR A 451 18.75 14.59 -6.24
C THR A 451 17.81 15.71 -5.86
N GLN A 452 16.56 15.63 -6.31
CA GLN A 452 15.55 16.63 -6.00
C GLN A 452 15.47 16.88 -4.50
N ILE A 453 15.95 18.04 -4.07
CA ILE A 453 15.90 18.42 -2.67
C ILE A 453 15.38 19.86 -2.57
N PRO A 454 14.35 20.12 -1.76
CA PRO A 454 13.58 19.07 -1.07
C PRO A 454 12.66 18.29 -2.02
N LEU A 455 12.37 17.04 -1.66
CA LEU A 455 11.59 16.18 -2.54
C LEU A 455 10.14 16.64 -2.59
N LYS A 456 9.56 16.61 -3.78
CA LYS A 456 8.17 16.99 -4.00
C LYS A 456 7.31 15.76 -4.28
N LEU A 457 6.13 15.73 -3.68
CA LEU A 457 5.15 14.67 -3.94
C LEU A 457 4.43 14.92 -5.25
N SER A 458 4.07 13.83 -5.92
CA SER A 458 3.35 13.95 -7.17
C SER A 458 1.96 14.53 -6.92
N LEU A 459 1.52 15.36 -7.86
CA LEU A 459 0.18 15.97 -7.91
C LEU A 459 -0.90 14.99 -8.33
N GLY A 460 -0.57 13.76 -8.72
CA GLY A 460 -1.52 12.80 -9.19
C GLY A 460 -2.14 11.97 -8.09
N GLY A 461 -2.67 10.82 -8.46
CA GLY A 461 -3.40 9.99 -7.52
C GLY A 461 -2.59 8.94 -6.81
N LEU A 462 -1.28 8.92 -7.00
CA LEU A 462 -0.38 7.98 -6.34
C LEU A 462 0.60 8.75 -5.47
N LEU A 463 0.88 8.24 -4.28
CA LEU A 463 1.80 8.94 -3.40
C LEU A 463 3.20 8.51 -3.79
N GLN A 464 3.84 9.30 -4.63
CA GLN A 464 5.17 8.97 -5.09
C GLN A 464 5.92 10.27 -5.32
N PRO A 465 7.25 10.21 -5.48
CA PRO A 465 8.00 11.44 -5.76
C PRO A 465 7.61 11.99 -7.12
N GLU A 466 7.52 13.33 -7.20
CA GLU A 466 7.31 14.03 -8.46
C GLU A 466 8.24 13.48 -9.52
N LYS A 467 9.54 13.73 -9.33
CA LYS A 467 10.69 13.21 -10.03
C LYS A 467 11.25 12.02 -9.27
N PRO A 468 11.76 11.02 -9.97
CA PRO A 468 12.37 9.86 -9.31
C PRO A 468 13.49 10.27 -8.36
N VAL A 469 13.73 9.41 -7.37
CA VAL A 469 14.84 9.57 -6.45
C VAL A 469 16.08 8.94 -7.07
N VAL A 470 17.16 9.71 -7.21
CA VAL A 470 18.45 9.21 -7.66
C VAL A 470 19.51 9.64 -6.65
N LEU A 471 20.52 8.79 -6.46
CA LEU A 471 21.44 8.99 -5.36
C LEU A 471 22.80 8.39 -5.70
N LYS A 472 23.85 8.92 -5.07
CA LYS A 472 25.16 8.29 -5.14
C LYS A 472 25.18 7.08 -4.23
N VAL A 473 25.71 5.99 -4.74
CA VAL A 473 25.79 4.73 -4.01
C VAL A 473 27.26 4.33 -3.97
N GLU A 474 27.87 4.35 -2.78
CA GLU A 474 29.26 3.96 -2.57
C GLU A 474 29.32 2.60 -1.89
N SER A 475 30.52 2.00 -1.82
CA SER A 475 30.70 0.69 -1.21
C SER A 475 31.51 0.76 0.08
N ARG A 476 31.24 -0.17 1.00
CA ARG A 476 31.91 -0.22 2.31
C ARG A 476 33.10 -1.22 2.33
CHA HEM B . -4.81 -3.68 2.25
CHB HEM B . -0.96 -0.81 3.04
CHC HEM B . 1.82 -4.34 1.18
CHD HEM B . -1.96 -7.33 0.78
C1A HEM B . -4.01 -2.60 2.59
C2A HEM B . -4.50 -1.37 3.12
C3A HEM B . -3.47 -0.57 3.34
C4A HEM B . -2.27 -1.28 2.96
CMA HEM B . -3.55 0.87 3.92
CAA HEM B . -5.98 -1.07 3.38
CBA HEM B . -6.10 -1.15 4.90
CGA HEM B . -7.45 -0.78 5.39
O1A HEM B . -7.54 -0.73 6.66
O2A HEM B . -8.42 -0.54 4.57
C1B HEM B . 0.15 -1.50 2.58
C2B HEM B . 1.55 -1.01 2.57
C3B HEM B . 2.29 -1.98 2.04
C4B HEM B . 1.41 -3.11 1.73
CMB HEM B . 2.02 0.37 3.09
CAB HEM B . 3.84 -2.00 1.83
CBB HEM B . 4.70 -1.09 2.34
C1C HEM B . 1.09 -5.51 1.00
C2C HEM B . 1.58 -6.84 0.68
C3C HEM B . 0.56 -7.64 0.59
C4C HEM B . -0.66 -6.88 0.81
CMC HEM B . 3.05 -7.38 0.50
CAC HEM B . 0.79 -9.12 0.26
CBC HEM B . -0.15 -10.03 0.39
C1D HEM B . -3.06 -6.57 1.12
C2D HEM B . -4.45 -7.01 1.04
C3D HEM B . -5.22 -6.03 1.45
C4D HEM B . -4.37 -4.91 1.80
CMD HEM B . -4.90 -8.39 0.55
CAD HEM B . -6.76 -6.11 1.52
CBD HEM B . -7.14 -6.90 2.80
CGD HEM B . -8.65 -7.03 2.98
O1D HEM B . -9.11 -7.78 3.90
O2D HEM B . -9.42 -6.40 2.20
NA HEM B . -2.64 -2.53 2.49
NB HEM B . 0.10 -2.77 2.07
NC HEM B . -0.31 -5.60 1.07
ND HEM B . -3.06 -5.26 1.58
FE HEM B . -1.37 -4.16 2.08
C01 MWV C . -4.79 4.52 -5.05
C03 MWV C . -3.91 3.99 -2.85
C04 MWV C . -4.27 2.45 -2.93
C07 MWV C . -5.36 0.38 -1.91
C08 MWV C . -6.35 0.16 -3.17
C09 MWV C . -7.82 -0.20 -2.79
C11 MWV C . -9.28 -2.10 -3.41
C12 MWV C . -9.74 0.20 -4.35
C13 MWV C . -10.65 0.84 -3.16
C14 MWV C . -11.23 2.31 -3.37
C15 MWV C . -10.16 3.50 -3.14
C17 MWV C . -8.53 4.83 -2.28
C18 MWV C . -7.49 5.46 -1.52
C19 MWV C . -6.89 6.68 -1.93
C20 MWV C . -7.32 7.30 -3.15
C21 MWV C . -8.34 6.70 -3.92
C22 MWV C . -8.96 5.48 -3.51
C24 MWV C . -6.11 0.03 -0.60
C25 MWV C . -6.19 -1.51 -0.22
C26 MWV C . -5.49 -2.52 -1.10
C27 MWV C . -4.45 -2.11 -1.97
C28 MWV C . -3.85 -3.16 -2.76
C29 MWV C . -4.23 -4.51 -2.68
C30 MWV C . -5.25 -4.93 -1.77
C32 MWV C . -5.87 -3.88 -1.00
C33 MWV C . -4.06 -0.60 -2.03
C34 MWV C . -2.92 -0.21 -0.91
C35 MWV C . -2.13 -1.46 -0.44
C36 MWV C . -1.89 0.87 -1.36
F31 MWV C . -5.61 -6.20 -1.67
N10 MWV C . -8.63 -0.81 -3.91
N16 MWV C . -9.29 3.64 -2.09
N23 MWV C . -9.99 4.61 -4.02
O02 MWV C . -4.79 4.80 -3.65
O05 MWV C . -3.99 1.79 -3.93
O06 MWV C . -4.92 1.77 -1.82
C1 EDO D . -2.00 -2.08 13.42
O1 EDO D . -2.78 -2.33 12.23
C2 EDO D . -0.53 -1.88 13.06
O2 EDO D . -0.30 -0.52 12.68
C1 EDO E . 5.52 -20.89 -15.41
O1 EDO E . 5.03 -22.09 -14.80
C2 EDO E . 6.96 -20.67 -14.98
O2 EDO E . 7.50 -19.56 -15.74
S DMS F . -8.68 1.08 -19.43
O DMS F . -9.12 -0.49 -19.61
C1 DMS F . -8.32 1.78 -21.07
C2 DMS F . -7.23 1.19 -18.35
#